data_7XBS
#
_entry.id   7XBS
#
_cell.length_a   77.410
_cell.length_b   77.410
_cell.length_c   191.664
_cell.angle_alpha   90.000
_cell.angle_beta   90.000
_cell.angle_gamma   90.000
#
_symmetry.space_group_name_H-M   'P 41 21 2'
#
loop_
_entity.id
_entity.type
_entity.pdbx_description
1 polymer CmnG
2 non-polymer 2-AMINO-2-HYDROXYMETHYL-PROPANE-1,3-DIOL
3 water water
#
_entity_poly.entity_id   1
_entity_poly.type   'polypeptide(L)'
_entity_poly.pdbx_seq_one_letter_code
;VTADAALEPDERAAWLAYNDTAEDFPGPHLLARLDAVAREHPDRPAVHAVDGVWTYRELHRRADAVAAFLAARGVRPGSV
VAIAATRALAPYAALLGVLKAGCAYVPVNPDDPADRVAFVLADAGATPLLLDTDPASLPAAPAPDVPHEPDRVCYVIYTS
GSTGRPKGVVMAERAVDNLTHWVVRRHDVRPDDRLGQTAPLTFDPSVQQVFPAWATGACLVTVPDDVQRDPAAFLDWLRA
ERVTHLDLVTSHWVHLLNAAEARPAELPDLRWIIIGGETYYYHQTHRWHRVVSSPARLNTIYGPTEAAVNATEHLTEPDL
DHGQVPIGVPLPNYRLYALDDDGRLCPPGITGEIHIAGAGLARGYRSAEATAKAFHELEVHSGRTERLYRTGDLARLVRH
ADRWALEFQGRVDSQVKISGYRVELEEVDAAVKAVPGVRDAAVVVRGEPAEQLVCCYVGDVPPDRLRSRLTERLPAYLVP
HLLVPVEALPFTRNGKMDTAELAELVRRFARDS
;
_entity_poly.pdbx_strand_id   A
#
loop_
_chem_comp.id
_chem_comp.type
_chem_comp.name
_chem_comp.formula
TRS non-polymer 2-AMINO-2-HYDROXYMETHYL-PROPANE-1,3-DIOL 'C4 H12 N O3 1'
#
# COMPACT_ATOMS: atom_id res chain seq x y z
N VAL A 1 -1.87 1.71 -36.16
CA VAL A 1 -2.31 0.41 -35.66
C VAL A 1 -1.81 0.21 -34.23
N THR A 2 -0.55 -0.19 -34.09
CA THR A 2 0.02 -0.37 -32.77
C THR A 2 0.28 0.98 -32.10
N ALA A 3 0.39 0.97 -30.78
CA ALA A 3 0.56 2.23 -30.05
C ALA A 3 1.87 2.92 -30.41
N ASP A 4 2.90 2.16 -30.76
CA ASP A 4 4.21 2.73 -31.04
C ASP A 4 4.43 3.01 -32.52
N ALA A 5 3.35 3.07 -33.30
CA ALA A 5 3.49 3.08 -34.76
C ALA A 5 4.25 4.30 -35.25
N ALA A 6 4.05 5.45 -34.62
CA ALA A 6 4.65 6.70 -35.07
C ALA A 6 6.07 6.93 -34.59
N LEU A 7 6.58 6.11 -33.67
CA LEU A 7 7.86 6.38 -33.06
C LEU A 7 9.01 6.07 -34.02
N GLU A 8 10.11 6.78 -33.86
CA GLU A 8 11.33 6.47 -34.59
C GLU A 8 12.08 5.33 -33.91
N PRO A 9 12.93 4.61 -34.66
CA PRO A 9 13.68 3.49 -34.07
C PRO A 9 14.38 3.82 -32.74
N ASP A 10 15.01 4.99 -32.64
CA ASP A 10 15.66 5.38 -31.39
C ASP A 10 14.65 5.49 -30.25
N GLU A 11 13.48 6.05 -30.54
CA GLU A 11 12.46 6.27 -29.52
C GLU A 11 11.83 4.96 -29.10
N ARG A 12 11.48 4.12 -30.07
CA ARG A 12 10.97 2.78 -29.78
C ARG A 12 11.97 2.00 -28.94
N ALA A 13 13.26 2.12 -29.27
CA ALA A 13 14.26 1.32 -28.58
C ALA A 13 14.38 1.70 -27.11
N ALA A 14 14.09 2.96 -26.77
CA ALA A 14 14.16 3.37 -25.37
C ALA A 14 13.09 2.66 -24.55
N TRP A 15 11.88 2.55 -25.08
CA TRP A 15 10.81 1.87 -24.36
C TRP A 15 11.08 0.38 -24.26
N LEU A 16 11.60 -0.23 -25.33
CA LEU A 16 11.92 -1.66 -25.26
C LEU A 16 12.99 -1.94 -24.21
N ALA A 17 13.96 -1.03 -24.07
CA ALA A 17 14.95 -1.19 -23.01
C ALA A 17 14.32 -0.99 -21.64
N TYR A 18 13.49 0.05 -21.51
CA TYR A 18 12.89 0.37 -20.21
C TYR A 18 12.10 -0.81 -19.65
N ASN A 19 11.37 -1.53 -20.51
CA ASN A 19 10.45 -2.58 -20.09
C ASN A 19 11.04 -3.97 -20.21
N ASP A 20 12.37 -4.08 -20.30
CA ASP A 20 13.04 -5.37 -20.38
C ASP A 20 13.30 -5.85 -18.96
N THR A 21 12.21 -6.35 -18.33
CA THR A 21 12.17 -6.52 -16.87
C THR A 21 11.84 -7.93 -16.43
N ALA A 22 11.75 -8.90 -17.34
CA ALA A 22 11.34 -10.25 -16.96
C ALA A 22 12.36 -10.85 -15.99
N GLU A 23 11.85 -11.60 -15.02
CA GLU A 23 12.69 -12.27 -14.04
C GLU A 23 11.92 -13.46 -13.49
N ASP A 24 12.56 -14.63 -13.48
CA ASP A 24 11.93 -15.84 -12.96
C ASP A 24 12.39 -16.08 -11.53
N PHE A 25 11.43 -16.23 -10.65
CA PHE A 25 11.79 -16.45 -9.27
C PHE A 25 11.55 -17.91 -8.91
N PRO A 26 12.42 -18.51 -8.09
CA PRO A 26 12.27 -19.94 -7.80
C PRO A 26 11.05 -20.16 -6.91
N GLY A 27 10.39 -21.30 -7.14
CA GLY A 27 9.27 -21.68 -6.32
C GLY A 27 9.72 -22.11 -4.94
N PRO A 28 8.78 -22.59 -4.13
CA PRO A 28 7.35 -22.74 -4.41
C PRO A 28 6.56 -21.45 -4.23
N HIS A 29 5.24 -21.56 -4.32
CA HIS A 29 4.35 -20.40 -4.22
C HIS A 29 4.38 -19.81 -2.82
N LEU A 30 3.78 -18.61 -2.70
CA LEU A 30 3.98 -17.79 -1.50
C LEU A 30 3.62 -18.52 -0.22
N LEU A 31 2.40 -19.06 -0.12
CA LEU A 31 1.97 -19.69 1.12
C LEU A 31 2.83 -20.91 1.44
N ALA A 32 3.27 -21.65 0.41
CA ALA A 32 4.19 -22.76 0.65
C ALA A 32 5.48 -22.27 1.29
N ARG A 33 6.01 -21.13 0.82
CA ARG A 33 7.22 -20.59 1.45
C ARG A 33 6.95 -20.16 2.89
N LEU A 34 5.78 -19.58 3.16
CA LEU A 34 5.43 -19.24 4.54
C LEU A 34 5.40 -20.48 5.41
N ASP A 35 4.81 -21.57 4.93
CA ASP A 35 4.77 -22.79 5.74
C ASP A 35 6.16 -23.35 5.95
N ALA A 36 7.01 -23.28 4.92
CA ALA A 36 8.36 -23.81 5.04
C ALA A 36 9.14 -23.06 6.11
N VAL A 37 8.97 -21.73 6.17
CA VAL A 37 9.63 -20.94 7.21
C VAL A 37 9.14 -21.38 8.58
N ALA A 38 7.83 -21.58 8.72
CA ALA A 38 7.29 -22.00 10.01
C ALA A 38 7.80 -23.37 10.41
N ARG A 39 8.01 -24.26 9.42
CA ARG A 39 8.54 -25.60 9.69
C ARG A 39 10.00 -25.54 10.11
N GLU A 40 10.78 -24.72 9.42
CA GLU A 40 12.22 -24.68 9.65
C GLU A 40 12.59 -23.81 10.84
N HIS A 41 11.78 -22.78 11.13
CA HIS A 41 12.10 -21.78 12.14
C HIS A 41 10.93 -21.52 13.10
N PRO A 42 10.37 -22.57 13.71
CA PRO A 42 9.17 -22.37 14.54
C PRO A 42 9.40 -21.45 15.71
N ASP A 43 10.64 -21.35 16.19
CA ASP A 43 10.89 -20.61 17.42
C ASP A 43 11.20 -19.14 17.17
N ARG A 44 11.41 -18.74 15.92
CA ARG A 44 11.75 -17.34 15.67
C ARG A 44 10.53 -16.45 15.89
N PRO A 45 10.75 -15.17 16.19
CA PRO A 45 9.62 -14.25 16.36
C PRO A 45 9.09 -13.83 15.00
N ALA A 46 7.79 -14.03 14.80
CA ALA A 46 7.16 -13.77 13.52
C ALA A 46 6.42 -12.44 13.48
N VAL A 47 5.77 -12.07 14.57
CA VAL A 47 5.03 -10.81 14.60
C VAL A 47 5.11 -10.24 16.02
N HIS A 48 5.40 -8.96 16.07
CA HIS A 48 5.52 -8.20 17.31
C HIS A 48 4.54 -7.06 17.22
N ALA A 49 3.46 -7.16 18.00
CA ALA A 49 2.38 -6.19 17.99
C ALA A 49 2.19 -5.62 19.39
N VAL A 50 1.11 -4.86 19.58
CA VAL A 50 1.01 -4.06 20.80
C VAL A 50 0.82 -4.92 22.03
N ASP A 51 0.29 -6.14 21.89
CA ASP A 51 0.00 -7.01 23.02
C ASP A 51 0.92 -8.24 23.11
N GLY A 52 1.99 -8.28 22.34
CA GLY A 52 2.97 -9.33 22.54
C GLY A 52 3.66 -9.72 21.25
N VAL A 53 4.40 -10.81 21.34
CA VAL A 53 5.20 -11.34 20.24
C VAL A 53 4.81 -12.79 20.07
N TRP A 54 4.53 -13.21 18.83
CA TRP A 54 4.29 -14.62 18.54
C TRP A 54 5.45 -15.21 17.78
N THR A 55 5.84 -16.42 18.17
CA THR A 55 6.72 -17.22 17.35
C THR A 55 6.02 -17.63 16.05
N TYR A 56 6.81 -18.10 15.09
CA TYR A 56 6.22 -18.69 13.89
C TYR A 56 5.28 -19.84 14.25
N ARG A 57 5.69 -20.69 15.17
CA ARG A 57 4.82 -21.80 15.57
C ARG A 57 3.47 -21.30 16.04
N GLU A 58 3.48 -20.31 16.94
CA GLU A 58 2.24 -19.80 17.52
C GLU A 58 1.40 -19.08 16.48
N LEU A 59 2.03 -18.24 15.65
CA LEU A 59 1.26 -17.54 14.62
C LEU A 59 0.54 -18.54 13.73
N HIS A 60 1.23 -19.59 13.31
CA HIS A 60 0.62 -20.53 12.37
C HIS A 60 -0.42 -21.39 13.08
N ARG A 61 -0.20 -21.72 14.36
CA ARG A 61 -1.23 -22.42 15.14
C ARG A 61 -2.51 -21.59 15.26
N ARG A 62 -2.36 -20.29 15.57
CA ARG A 62 -3.54 -19.43 15.69
C ARG A 62 -4.22 -19.29 14.33
N ALA A 63 -3.43 -19.23 13.26
CA ALA A 63 -4.01 -19.14 11.93
C ALA A 63 -4.72 -20.44 11.55
N ASP A 64 -4.13 -21.59 11.89
CA ASP A 64 -4.81 -22.87 11.71
C ASP A 64 -6.18 -22.86 12.37
N ALA A 65 -6.27 -22.31 13.58
CA ALA A 65 -7.55 -22.28 14.28
C ALA A 65 -8.56 -21.40 13.55
N VAL A 66 -8.11 -20.27 13.01
CA VAL A 66 -8.99 -19.42 12.22
C VAL A 66 -9.48 -20.19 10.99
N ALA A 67 -8.57 -20.88 10.32
CA ALA A 67 -8.92 -21.58 9.09
C ALA A 67 -9.95 -22.68 9.36
N ALA A 68 -9.79 -23.36 10.49
CA ALA A 68 -10.73 -24.41 10.86
C ALA A 68 -12.09 -23.83 11.24
N PHE A 69 -12.09 -22.70 11.97
CA PHE A 69 -13.34 -22.03 12.31
C PHE A 69 -14.11 -21.64 11.06
N LEU A 70 -13.40 -21.08 10.07
CA LEU A 70 -14.05 -20.65 8.83
C LEU A 70 -14.69 -21.82 8.12
N ALA A 71 -13.98 -22.94 8.03
CA ALA A 71 -14.53 -24.11 7.35
C ALA A 71 -15.75 -24.65 8.08
N ALA A 72 -15.71 -24.62 9.42
CA ALA A 72 -16.85 -25.08 10.21
C ALA A 72 -18.09 -24.23 10.00
N ARG A 73 -17.91 -22.95 9.66
CA ARG A 73 -19.03 -22.05 9.42
C ARG A 73 -19.41 -21.97 7.95
N GLY A 74 -18.94 -22.92 7.13
CA GLY A 74 -19.35 -22.98 5.74
C GLY A 74 -18.65 -22.01 4.82
N VAL A 75 -17.54 -21.43 5.25
CA VAL A 75 -16.78 -20.51 4.42
C VAL A 75 -15.80 -21.35 3.61
N ARG A 76 -16.13 -21.59 2.35
CA ARG A 76 -15.34 -22.47 1.51
C ARG A 76 -14.24 -21.68 0.80
N PRO A 77 -13.23 -22.37 0.28
CA PRO A 77 -12.19 -21.69 -0.49
C PRO A 77 -12.78 -20.84 -1.59
N GLY A 78 -12.14 -19.70 -1.84
CA GLY A 78 -12.66 -18.74 -2.78
C GLY A 78 -13.63 -17.75 -2.21
N SER A 79 -13.84 -17.75 -0.89
CA SER A 79 -14.65 -16.74 -0.23
C SER A 79 -13.78 -15.55 0.17
N VAL A 80 -14.44 -14.45 0.50
CA VAL A 80 -13.77 -13.25 1.01
C VAL A 80 -14.19 -13.08 2.47
N VAL A 81 -13.22 -12.76 3.32
CA VAL A 81 -13.43 -12.76 4.77
C VAL A 81 -12.86 -11.46 5.32
N ALA A 82 -13.69 -10.69 6.04
CA ALA A 82 -13.22 -9.44 6.62
C ALA A 82 -12.33 -9.74 7.82
N ILE A 83 -11.30 -8.92 8.00
CA ILE A 83 -10.49 -8.97 9.21
C ILE A 83 -10.40 -7.58 9.79
N ALA A 84 -10.40 -7.51 11.13
CA ALA A 84 -10.39 -6.22 11.81
C ALA A 84 -8.95 -5.72 11.89
N ALA A 85 -8.68 -4.62 11.19
CA ALA A 85 -7.33 -4.05 11.08
C ALA A 85 -7.03 -3.26 12.32
N THR A 86 -6.31 -3.87 13.26
CA THR A 86 -5.83 -3.24 14.48
C THR A 86 -4.33 -3.39 14.51
N ARG A 87 -3.72 -2.94 15.60
CA ARG A 87 -2.28 -3.06 15.80
C ARG A 87 -1.93 -4.12 16.83
N ALA A 88 -2.84 -5.04 17.10
CA ALA A 88 -2.61 -6.15 18.00
C ALA A 88 -2.22 -7.39 17.22
N LEU A 89 -2.02 -8.49 17.94
CA LEU A 89 -1.61 -9.73 17.30
C LEU A 89 -2.75 -10.36 16.49
N ALA A 90 -3.98 -10.24 16.99
CA ALA A 90 -5.12 -10.97 16.43
C ALA A 90 -5.29 -10.85 14.92
N PRO A 91 -5.21 -9.66 14.30
CA PRO A 91 -5.41 -9.58 12.85
C PRO A 91 -4.43 -10.37 12.04
N TYR A 92 -3.23 -10.65 12.58
CA TYR A 92 -2.27 -11.45 11.85
C TYR A 92 -2.68 -12.92 11.80
N ALA A 93 -3.21 -13.46 12.92
CA ALA A 93 -3.80 -14.77 12.88
C ALA A 93 -5.00 -14.80 11.95
N ALA A 94 -5.79 -13.73 11.98
CA ALA A 94 -6.99 -13.66 11.13
C ALA A 94 -6.61 -13.69 9.66
N LEU A 95 -5.72 -12.79 9.23
CA LEU A 95 -5.46 -12.73 7.80
C LEU A 95 -4.70 -13.97 7.31
N LEU A 96 -3.75 -14.49 8.11
CA LEU A 96 -3.06 -15.71 7.68
C LEU A 96 -4.00 -16.90 7.66
N GLY A 97 -4.92 -16.95 8.63
CA GLY A 97 -5.89 -18.03 8.66
C GLY A 97 -6.84 -17.97 7.48
N VAL A 98 -7.29 -16.78 7.11
CA VAL A 98 -8.11 -16.62 5.91
C VAL A 98 -7.38 -17.19 4.69
N LEU A 99 -6.07 -16.89 4.56
CA LEU A 99 -5.31 -17.40 3.42
C LEU A 99 -5.16 -18.92 3.48
N LYS A 100 -4.94 -19.47 4.67
CA LYS A 100 -4.80 -20.92 4.84
C LYS A 100 -6.09 -21.63 4.50
N ALA A 101 -7.23 -20.95 4.66
CA ALA A 101 -8.55 -21.47 4.29
C ALA A 101 -8.83 -21.39 2.79
N GLY A 102 -7.86 -20.95 1.99
CA GLY A 102 -8.09 -20.76 0.57
C GLY A 102 -8.90 -19.52 0.24
N CYS A 103 -8.99 -18.59 1.17
CA CYS A 103 -9.85 -17.42 1.03
C CYS A 103 -8.99 -16.17 0.92
N ALA A 104 -9.66 -15.06 0.69
CA ALA A 104 -9.04 -13.75 0.57
C ALA A 104 -9.49 -12.87 1.72
N TYR A 105 -8.59 -12.06 2.26
CA TYR A 105 -9.01 -11.16 3.32
C TYR A 105 -9.34 -9.77 2.80
N VAL A 106 -10.31 -9.12 3.45
CA VAL A 106 -10.56 -7.70 3.22
C VAL A 106 -10.38 -7.00 4.56
N PRO A 107 -9.36 -6.17 4.69
CA PRO A 107 -9.11 -5.50 5.97
C PRO A 107 -10.12 -4.40 6.21
N VAL A 108 -10.66 -4.36 7.42
CA VAL A 108 -11.63 -3.35 7.82
C VAL A 108 -11.16 -2.71 9.11
N ASN A 109 -11.13 -1.39 9.13
CA ASN A 109 -10.89 -0.66 10.37
C ASN A 109 -12.15 -0.63 11.21
N PRO A 110 -12.19 -1.30 12.37
CA PRO A 110 -13.43 -1.30 13.18
C PRO A 110 -13.83 0.08 13.69
N ASP A 111 -12.95 1.08 13.59
CA ASP A 111 -13.30 2.44 13.97
C ASP A 111 -13.86 3.25 12.81
N ASP A 112 -13.89 2.69 11.60
CA ASP A 112 -14.42 3.42 10.47
C ASP A 112 -15.93 3.57 10.63
N PRO A 113 -16.51 4.58 9.97
CA PRO A 113 -17.96 4.79 10.05
C PRO A 113 -18.71 3.53 9.62
N ALA A 114 -19.75 3.21 10.38
CA ALA A 114 -20.49 1.98 10.16
C ALA A 114 -21.01 1.87 8.73
N ASP A 115 -21.47 2.99 8.15
CA ASP A 115 -22.01 2.96 6.79
C ASP A 115 -20.95 2.54 5.78
N ARG A 116 -19.71 3.00 5.98
CA ARG A 116 -18.64 2.65 5.06
C ARG A 116 -18.22 1.19 5.23
N VAL A 117 -18.21 0.70 6.47
CA VAL A 117 -17.90 -0.70 6.67
C VAL A 117 -18.98 -1.57 6.01
N ALA A 118 -20.23 -1.15 6.12
CA ALA A 118 -21.31 -1.92 5.50
C ALA A 118 -21.13 -2.03 4.00
N PHE A 119 -20.72 -0.93 3.35
CA PHE A 119 -20.49 -1.01 1.91
C PHE A 119 -19.37 -1.97 1.60
N VAL A 120 -18.25 -1.90 2.35
CA VAL A 120 -17.12 -2.77 2.07
C VAL A 120 -17.53 -4.24 2.16
N LEU A 121 -18.29 -4.61 3.20
CA LEU A 121 -18.71 -6.00 3.34
C LEU A 121 -19.58 -6.43 2.16
N ALA A 122 -20.51 -5.56 1.73
CA ALA A 122 -21.38 -5.91 0.60
C ALA A 122 -20.57 -6.02 -0.68
N ASP A 123 -19.76 -5.00 -0.97
CA ASP A 123 -19.02 -4.98 -2.23
C ASP A 123 -17.96 -6.08 -2.30
N ALA A 124 -17.34 -6.43 -1.16
CA ALA A 124 -16.32 -7.48 -1.14
C ALA A 124 -16.91 -8.88 -1.09
N GLY A 125 -18.23 -9.00 -0.92
CA GLY A 125 -18.83 -10.31 -0.69
C GLY A 125 -18.33 -10.98 0.58
N ALA A 126 -18.05 -10.22 1.62
CA ALA A 126 -17.27 -10.72 2.73
C ALA A 126 -18.13 -11.09 3.92
N THR A 127 -17.76 -12.19 4.58
CA THR A 127 -18.38 -12.49 5.85
C THR A 127 -17.73 -11.67 6.97
N PRO A 128 -18.53 -11.19 7.92
CA PRO A 128 -18.00 -10.50 9.11
C PRO A 128 -17.70 -11.39 10.31
N LEU A 129 -17.66 -12.72 10.14
CA LEU A 129 -17.47 -13.63 11.27
C LEU A 129 -16.31 -13.22 12.16
N LEU A 130 -15.17 -12.88 11.55
CA LEU A 130 -13.98 -12.55 12.33
C LEU A 130 -13.97 -11.11 12.83
N LEU A 131 -14.96 -10.30 12.44
CA LEU A 131 -15.18 -9.00 13.06
C LEU A 131 -15.95 -9.13 14.36
N ASP A 132 -16.69 -10.23 14.52
CA ASP A 132 -17.64 -10.39 15.59
C ASP A 132 -17.18 -11.36 16.67
N THR A 133 -16.06 -12.05 16.46
CA THR A 133 -15.42 -12.78 17.54
C THR A 133 -13.92 -12.63 17.42
N ASP A 134 -13.24 -12.78 18.55
CA ASP A 134 -11.78 -12.64 18.62
C ASP A 134 -11.10 -13.77 17.86
N PRO A 135 -10.46 -13.49 16.72
CA PRO A 135 -9.83 -14.58 15.97
C PRO A 135 -8.72 -15.27 16.75
N ALA A 136 -8.06 -14.56 17.67
CA ALA A 136 -6.95 -15.15 18.41
C ALA A 136 -7.41 -16.10 19.51
N SER A 137 -8.70 -16.15 19.82
CA SER A 137 -9.19 -17.00 20.89
C SER A 137 -10.01 -18.18 20.39
N LEU A 138 -10.01 -18.45 19.08
CA LEU A 138 -10.77 -19.55 18.53
C LEU A 138 -10.19 -20.89 18.99
N PRO A 139 -11.00 -21.96 19.00
CA PRO A 139 -10.53 -23.25 19.50
C PRO A 139 -9.36 -23.78 18.67
N ALA A 140 -8.40 -24.40 19.36
CA ALA A 140 -7.23 -24.96 18.69
C ALA A 140 -7.64 -26.08 17.74
N ALA A 141 -6.97 -26.15 16.59
CA ALA A 141 -7.30 -27.14 15.57
C ALA A 141 -6.13 -27.22 14.60
N PRO A 142 -6.01 -28.33 13.86
CA PRO A 142 -5.10 -28.37 12.73
C PRO A 142 -5.70 -27.62 11.54
N ALA A 143 -4.85 -27.33 10.56
CA ALA A 143 -5.35 -26.63 9.38
C ALA A 143 -6.22 -27.56 8.54
N PRO A 144 -7.28 -27.05 7.92
CA PRO A 144 -8.13 -27.90 7.10
C PRO A 144 -7.42 -28.29 5.81
N ASP A 145 -7.97 -29.33 5.18
CA ASP A 145 -7.37 -29.88 3.95
C ASP A 145 -7.81 -28.98 2.80
N VAL A 146 -6.96 -28.01 2.45
CA VAL A 146 -7.28 -27.08 1.38
C VAL A 146 -6.26 -27.25 0.26
N PRO A 147 -6.67 -27.72 -0.90
CA PRO A 147 -5.72 -27.93 -1.99
C PRO A 147 -5.31 -26.61 -2.61
N HIS A 148 -4.03 -26.52 -3.00
CA HIS A 148 -3.53 -25.33 -3.68
C HIS A 148 -4.16 -25.18 -5.04
N GLU A 149 -4.79 -24.04 -5.29
CA GLU A 149 -5.23 -23.64 -6.61
C GLU A 149 -4.40 -22.45 -7.07
N PRO A 150 -3.90 -22.45 -8.31
CA PRO A 150 -3.05 -21.35 -8.76
C PRO A 150 -3.79 -20.01 -8.82
N ASP A 151 -3.08 -18.96 -8.43
CA ASP A 151 -3.54 -17.58 -8.56
C ASP A 151 -4.84 -17.31 -7.81
N ARG A 152 -4.99 -17.95 -6.64
CA ARG A 152 -6.11 -17.64 -5.76
C ARG A 152 -6.11 -16.16 -5.39
N VAL A 153 -7.30 -15.57 -5.27
CA VAL A 153 -7.39 -14.22 -4.72
C VAL A 153 -6.88 -14.23 -3.28
N CYS A 154 -6.05 -13.23 -2.95
CA CYS A 154 -5.41 -13.13 -1.65
C CYS A 154 -6.00 -12.03 -0.79
N TYR A 155 -6.29 -10.87 -1.37
CA TYR A 155 -6.94 -9.81 -0.63
C TYR A 155 -7.78 -8.94 -1.55
N VAL A 156 -8.78 -8.32 -0.94
CA VAL A 156 -9.53 -7.23 -1.54
C VAL A 156 -9.27 -6.02 -0.67
N ILE A 157 -8.65 -4.99 -1.23
CA ILE A 157 -8.35 -3.75 -0.49
C ILE A 157 -9.02 -2.57 -1.17
N TYR A 158 -9.63 -1.70 -0.35
CA TYR A 158 -10.43 -0.59 -0.87
C TYR A 158 -9.62 0.69 -1.05
N THR A 159 -9.88 1.37 -2.17
CA THR A 159 -9.27 2.64 -2.53
C THR A 159 -10.36 3.60 -2.97
N SER A 160 -10.07 4.91 -2.93
CA SER A 160 -11.05 5.93 -3.27
C SER A 160 -10.47 6.81 -4.38
N GLY A 161 -10.32 8.12 -4.15
CA GLY A 161 -10.21 9.05 -5.25
C GLY A 161 -11.51 9.24 -6.00
N SER A 162 -12.64 8.85 -5.39
CA SER A 162 -13.96 8.91 -6.02
C SER A 162 -15.07 8.75 -4.98
N THR A 163 -15.68 9.85 -4.56
CA THR A 163 -16.64 9.83 -3.47
C THR A 163 -17.94 9.15 -3.86
N GLY A 164 -18.50 8.39 -2.92
CA GLY A 164 -19.63 7.50 -3.19
C GLY A 164 -19.27 6.33 -4.08
N ARG A 165 -18.00 6.19 -4.45
CA ARG A 165 -17.51 5.13 -5.33
C ARG A 165 -16.24 4.54 -4.73
N PRO A 166 -16.34 3.87 -3.59
CA PRO A 166 -15.21 3.06 -3.13
C PRO A 166 -15.04 1.92 -4.11
N LYS A 167 -13.80 1.55 -4.38
CA LYS A 167 -13.60 0.40 -5.24
C LYS A 167 -12.70 -0.60 -4.56
N GLY A 168 -13.07 -1.87 -4.68
CA GLY A 168 -12.35 -2.96 -4.07
C GLY A 168 -11.38 -3.61 -5.02
N VAL A 169 -10.09 -3.41 -4.77
CA VAL A 169 -9.06 -3.97 -5.63
C VAL A 169 -8.88 -5.45 -5.29
N VAL A 170 -9.06 -6.31 -6.29
CA VAL A 170 -8.99 -7.75 -6.12
C VAL A 170 -7.59 -8.20 -6.51
N MET A 171 -6.78 -8.62 -5.54
CA MET A 171 -5.39 -9.02 -5.79
C MET A 171 -5.17 -10.49 -5.58
N ALA A 172 -4.59 -11.14 -6.59
CA ALA A 172 -4.42 -12.58 -6.56
C ALA A 172 -2.94 -12.96 -6.33
N GLU A 173 -2.72 -14.26 -6.20
CA GLU A 173 -1.51 -14.76 -5.57
C GLU A 173 -0.25 -14.52 -6.40
N ARG A 174 -0.33 -14.67 -7.73
CA ARG A 174 0.90 -14.52 -8.51
C ARG A 174 1.47 -13.13 -8.36
N ALA A 175 0.58 -12.12 -8.30
CA ALA A 175 1.02 -10.74 -8.11
C ALA A 175 1.65 -10.53 -6.74
N VAL A 176 1.05 -11.09 -5.70
CA VAL A 176 1.56 -10.90 -4.36
C VAL A 176 2.87 -11.65 -4.18
N ASP A 177 2.98 -12.83 -4.78
CA ASP A 177 4.22 -13.60 -4.73
C ASP A 177 5.34 -12.86 -5.45
N ASN A 178 5.06 -12.33 -6.63
CA ASN A 178 6.06 -11.57 -7.37
C ASN A 178 6.54 -10.38 -6.54
N LEU A 179 5.61 -9.67 -5.92
CA LEU A 179 5.97 -8.53 -5.06
C LEU A 179 6.84 -8.99 -3.91
N THR A 180 6.45 -10.10 -3.26
CA THR A 180 7.22 -10.59 -2.11
C THR A 180 8.65 -10.94 -2.50
N HIS A 181 8.81 -11.65 -3.61
CA HIS A 181 10.15 -11.97 -4.10
C HIS A 181 10.97 -10.73 -4.31
N TRP A 182 10.36 -9.70 -4.91
CA TRP A 182 11.07 -8.44 -5.13
C TRP A 182 11.51 -7.80 -3.82
N VAL A 183 10.61 -7.70 -2.84
CA VAL A 183 10.98 -7.04 -1.58
C VAL A 183 12.18 -7.76 -0.97
N VAL A 184 12.09 -9.10 -0.93
CA VAL A 184 13.12 -9.89 -0.27
C VAL A 184 14.45 -9.74 -0.97
N ARG A 185 14.44 -9.86 -2.30
CA ARG A 185 15.70 -9.83 -3.04
C ARG A 185 16.27 -8.42 -3.11
N ARG A 186 15.44 -7.43 -3.48
CA ARG A 186 15.94 -6.05 -3.59
C ARG A 186 16.53 -5.54 -2.29
N HIS A 187 15.88 -5.83 -1.16
CA HIS A 187 16.25 -5.20 0.10
C HIS A 187 16.96 -6.18 1.03
N ASP A 188 17.41 -7.31 0.49
CA ASP A 188 18.24 -8.29 1.19
C ASP A 188 17.62 -8.66 2.54
N VAL A 189 16.34 -9.06 2.51
CA VAL A 189 15.66 -9.40 3.75
C VAL A 189 16.16 -10.74 4.24
N ARG A 190 16.55 -10.78 5.51
CA ARG A 190 17.17 -11.94 6.14
C ARG A 190 16.43 -12.31 7.41
N PRO A 191 16.61 -13.54 7.90
CA PRO A 191 15.82 -13.97 9.08
C PRO A 191 16.00 -13.10 10.30
N ASP A 192 17.16 -12.49 10.51
CA ASP A 192 17.32 -11.67 11.71
C ASP A 192 16.74 -10.28 11.55
N ASP A 193 16.10 -9.98 10.42
CA ASP A 193 15.63 -8.63 10.19
C ASP A 193 14.31 -8.36 10.92
N ARG A 194 13.99 -7.08 11.05
CA ARG A 194 12.79 -6.62 11.76
C ARG A 194 12.14 -5.59 10.84
N LEU A 195 11.05 -5.99 10.20
CA LEU A 195 10.39 -5.14 9.22
C LEU A 195 9.26 -4.39 9.91
N GLY A 196 9.40 -3.07 9.99
CA GLY A 196 8.33 -2.26 10.56
C GLY A 196 7.16 -2.19 9.60
N GLN A 197 5.97 -2.11 10.17
CA GLN A 197 4.73 -1.97 9.38
C GLN A 197 4.08 -0.66 9.81
N THR A 198 4.37 0.40 9.08
CA THR A 198 3.79 1.71 9.40
C THR A 198 2.35 1.79 8.95
N ALA A 199 2.11 1.39 7.72
CA ALA A 199 0.76 1.36 7.18
C ALA A 199 -0.14 0.46 8.03
N PRO A 200 -1.40 0.80 8.20
CA PRO A 200 -2.36 -0.15 8.75
C PRO A 200 -2.66 -1.24 7.74
N LEU A 201 -3.29 -2.32 8.21
CA LEU A 201 -3.55 -3.44 7.32
C LEU A 201 -4.56 -3.08 6.22
N THR A 202 -5.27 -1.96 6.36
CA THR A 202 -6.17 -1.44 5.33
C THR A 202 -5.45 -0.73 4.19
N PHE A 203 -4.14 -0.57 4.26
CA PHE A 203 -3.39 0.17 3.26
C PHE A 203 -2.29 -0.76 2.77
N ASP A 204 -2.10 -0.85 1.43
CA ASP A 204 -1.35 -2.01 0.94
C ASP A 204 0.17 -2.00 1.15
N PRO A 205 0.85 -0.94 1.61
CA PRO A 205 2.26 -1.15 1.99
C PRO A 205 2.38 -2.16 3.11
N SER A 206 1.31 -2.42 3.87
CA SER A 206 1.40 -3.44 4.90
C SER A 206 1.70 -4.80 4.27
N VAL A 207 1.16 -5.06 3.07
CA VAL A 207 1.42 -6.31 2.35
C VAL A 207 2.92 -6.44 2.06
N GLN A 208 3.54 -5.34 1.66
CA GLN A 208 4.95 -5.27 1.32
C GLN A 208 5.85 -5.57 2.50
N GLN A 209 5.38 -5.33 3.72
CA GLN A 209 6.18 -5.63 4.92
C GLN A 209 5.86 -7.02 5.49
N VAL A 210 4.57 -7.40 5.54
CA VAL A 210 4.16 -8.63 6.20
C VAL A 210 4.70 -9.85 5.48
N PHE A 211 4.43 -9.97 4.18
CA PHE A 211 4.73 -11.24 3.53
C PHE A 211 6.23 -11.44 3.34
N PRO A 212 7.02 -10.42 3.02
CA PRO A 212 8.48 -10.63 3.02
C PRO A 212 9.02 -11.04 4.38
N ALA A 213 8.48 -10.52 5.48
CA ALA A 213 8.94 -11.00 6.78
C ALA A 213 8.65 -12.49 6.92
N TRP A 214 7.40 -12.89 6.68
CA TRP A 214 7.03 -14.26 6.99
C TRP A 214 7.58 -15.24 5.98
N ALA A 215 8.00 -14.76 4.81
CA ALA A 215 8.58 -15.64 3.81
C ALA A 215 10.07 -15.84 4.00
N THR A 216 10.65 -15.16 4.99
CA THR A 216 12.07 -15.27 5.28
C THR A 216 12.40 -15.70 6.68
N GLY A 217 11.45 -15.63 7.61
CA GLY A 217 11.73 -15.90 9.00
C GLY A 217 12.09 -14.68 9.82
N ALA A 218 12.00 -13.50 9.24
CA ALA A 218 12.18 -12.23 9.93
C ALA A 218 10.96 -11.91 10.80
N CYS A 219 11.05 -10.82 11.56
CA CYS A 219 9.97 -10.42 12.44
C CYS A 219 9.24 -9.22 11.86
N LEU A 220 7.91 -9.32 11.73
CA LEU A 220 7.08 -8.18 11.39
C LEU A 220 6.81 -7.41 12.67
N VAL A 221 7.11 -6.11 12.66
CA VAL A 221 6.95 -5.23 13.85
C VAL A 221 5.96 -4.13 13.51
N THR A 222 4.75 -4.22 14.06
CA THR A 222 3.75 -3.20 13.77
C THR A 222 4.15 -1.89 14.44
N VAL A 223 3.99 -0.78 13.72
CA VAL A 223 4.30 0.51 14.31
C VAL A 223 3.10 0.98 15.12
N PRO A 224 3.22 1.19 16.43
CA PRO A 224 2.05 1.52 17.24
C PRO A 224 1.48 2.87 16.86
N ASP A 225 0.15 3.02 17.03
CA ASP A 225 -0.50 4.27 16.66
C ASP A 225 0.04 5.43 17.49
N ASP A 226 0.29 5.21 18.78
CA ASP A 226 0.85 6.23 19.67
C ASP A 226 2.22 6.76 19.23
N VAL A 227 2.97 5.98 18.46
CA VAL A 227 4.30 6.38 18.02
C VAL A 227 4.29 7.14 16.70
N GLN A 228 3.33 6.84 15.81
CA GLN A 228 3.39 7.34 14.45
C GLN A 228 3.11 8.83 14.37
N ARG A 229 2.04 9.28 15.00
CA ARG A 229 1.68 10.69 14.99
C ARG A 229 2.55 11.53 15.91
N ASP A 230 3.68 10.98 16.35
CA ASP A 230 4.67 11.67 17.15
C ASP A 230 6.01 11.40 16.47
N PRO A 231 6.40 12.23 15.50
CA PRO A 231 7.60 11.95 14.71
C PRO A 231 8.85 11.77 15.55
N ALA A 232 9.03 12.59 16.58
CA ALA A 232 10.19 12.43 17.44
C ALA A 232 10.19 11.06 18.11
N ALA A 233 9.04 10.63 18.61
CA ALA A 233 8.92 9.33 19.26
C ALA A 233 9.11 8.21 18.24
N PHE A 234 8.66 8.42 17.01
CA PHE A 234 8.82 7.41 15.98
C PHE A 234 10.30 7.16 15.69
N LEU A 235 11.10 8.23 15.60
CA LEU A 235 12.53 8.09 15.40
C LEU A 235 13.17 7.30 16.53
N ASP A 236 12.82 7.62 17.78
CA ASP A 236 13.38 6.87 18.91
C ASP A 236 12.90 5.43 18.91
N TRP A 237 11.63 5.20 18.53
CA TRP A 237 11.10 3.84 18.45
C TRP A 237 11.84 3.01 17.42
N LEU A 238 12.17 3.61 16.27
CA LEU A 238 12.92 2.87 15.25
C LEU A 238 14.25 2.39 15.80
N ARG A 239 14.93 3.24 16.57
CA ARG A 239 16.18 2.86 17.22
C ARG A 239 15.96 1.76 18.25
N ALA A 240 14.99 1.96 19.15
CA ALA A 240 14.76 1.02 20.24
C ALA A 240 14.39 -0.36 19.71
N GLU A 241 13.61 -0.42 18.65
CA GLU A 241 13.15 -1.68 18.12
C GLU A 241 14.08 -2.27 17.08
N ARG A 242 15.19 -1.61 16.78
CA ARG A 242 16.23 -2.14 15.89
CA ARG A 242 16.22 -2.16 15.90
C ARG A 242 15.64 -2.53 14.54
N VAL A 243 14.73 -1.68 14.04
CA VAL A 243 14.04 -1.94 12.79
C VAL A 243 15.03 -1.86 11.62
N THR A 244 14.92 -2.82 10.70
CA THR A 244 15.82 -2.90 9.55
C THR A 244 15.20 -2.43 8.25
N HIS A 245 13.88 -2.54 8.11
CA HIS A 245 13.17 -2.14 6.90
C HIS A 245 11.90 -1.44 7.31
N LEU A 246 11.52 -0.41 6.56
CA LEU A 246 10.37 0.40 6.94
C LEU A 246 9.63 0.90 5.70
N ASP A 247 8.31 0.87 5.76
CA ASP A 247 7.48 1.56 4.77
C ASP A 247 7.13 2.95 5.24
N LEU A 248 7.20 3.94 4.34
CA LEU A 248 6.74 5.29 4.66
C LEU A 248 6.06 5.94 3.46
N VAL A 249 4.96 6.64 3.73
CA VAL A 249 4.41 7.56 2.74
C VAL A 249 5.19 8.86 2.78
N THR A 250 5.30 9.51 1.60
CA THR A 250 6.18 10.68 1.47
C THR A 250 5.92 11.71 2.56
N SER A 251 4.65 12.05 2.80
CA SER A 251 4.33 13.12 3.75
C SER A 251 4.69 12.73 5.18
N HIS A 252 4.55 11.44 5.52
CA HIS A 252 4.98 10.96 6.83
C HIS A 252 6.48 11.09 6.99
N TRP A 253 7.23 10.74 5.95
CA TRP A 253 8.67 10.86 6.00
C TRP A 253 9.11 12.30 6.12
N VAL A 254 8.38 13.24 5.50
CA VAL A 254 8.74 14.65 5.67
C VAL A 254 8.62 15.06 7.13
N HIS A 255 7.59 14.57 7.83
CA HIS A 255 7.51 14.81 9.26
C HIS A 255 8.71 14.24 10.00
N LEU A 256 9.15 13.03 9.64
CA LEU A 256 10.33 12.45 10.26
C LEU A 256 11.58 13.26 9.95
N LEU A 257 11.68 13.78 8.72
CA LEU A 257 12.79 14.65 8.36
C LEU A 257 12.82 15.88 9.24
N ASN A 258 11.65 16.51 9.46
CA ASN A 258 11.57 17.68 10.35
C ASN A 258 11.94 17.31 11.79
N ALA A 259 11.48 16.15 12.25
CA ALA A 259 11.85 15.72 13.60
C ALA A 259 13.35 15.45 13.70
N ALA A 260 13.93 14.91 12.62
CA ALA A 260 15.37 14.63 12.65
C ALA A 260 16.16 15.93 12.65
N GLU A 261 15.68 16.94 11.93
CA GLU A 261 16.36 18.22 11.97
C GLU A 261 16.28 18.84 13.36
N ALA A 262 15.18 18.62 14.08
CA ALA A 262 15.13 19.12 15.46
C ALA A 262 16.06 18.33 16.38
N ARG A 263 16.20 17.01 16.14
CA ARG A 263 17.11 16.18 16.93
C ARG A 263 17.73 15.11 16.03
N PRO A 264 18.91 15.38 15.47
CA PRO A 264 19.55 14.41 14.57
C PRO A 264 19.64 13.01 15.17
N ALA A 265 19.40 12.00 14.34
CA ALA A 265 19.19 10.65 14.81
C ALA A 265 20.26 9.70 14.31
N GLU A 266 20.51 8.66 15.12
CA GLU A 266 21.39 7.56 14.76
C GLU A 266 20.52 6.32 14.64
N LEU A 267 20.51 5.71 13.46
CA LEU A 267 19.69 4.52 13.17
C LEU A 267 20.59 3.46 12.56
N PRO A 268 21.46 2.85 13.38
CA PRO A 268 22.47 1.94 12.81
C PRO A 268 21.89 0.65 12.26
N ASP A 269 20.70 0.25 12.70
CA ASP A 269 20.09 -1.00 12.27
C ASP A 269 19.21 -0.86 11.03
N LEU A 270 18.82 0.37 10.69
CA LEU A 270 17.92 0.61 9.57
C LEU A 270 18.68 0.53 8.27
N ARG A 271 18.26 -0.38 7.36
CA ARG A 271 18.91 -0.53 6.08
C ARG A 271 18.09 0.00 4.91
N TRP A 272 16.76 -0.01 5.02
CA TRP A 272 15.89 0.36 3.90
C TRP A 272 14.66 1.08 4.38
N ILE A 273 14.37 2.19 3.71
CA ILE A 273 13.06 2.84 3.77
C ILE A 273 12.50 2.78 2.37
N ILE A 274 11.38 2.08 2.22
CA ILE A 274 10.66 2.01 0.94
C ILE A 274 9.59 3.10 1.00
N ILE A 275 9.78 4.15 0.20
CA ILE A 275 9.08 5.41 0.41
C ILE A 275 8.45 5.88 -0.90
N GLY A 276 7.24 6.42 -0.81
CA GLY A 276 6.69 7.09 -1.98
C GLY A 276 5.27 7.54 -1.74
N GLY A 277 4.67 8.09 -2.80
CA GLY A 277 3.28 8.48 -2.76
C GLY A 277 3.04 9.88 -3.29
N GLU A 278 3.97 10.78 -3.00
CA GLU A 278 3.97 12.13 -3.52
C GLU A 278 5.36 12.49 -4.01
N THR A 279 5.41 13.41 -4.97
CA THR A 279 6.69 13.84 -5.48
C THR A 279 7.54 14.49 -4.39
N TYR A 280 8.82 14.18 -4.39
CA TYR A 280 9.76 14.87 -3.51
C TYR A 280 11.07 15.08 -4.23
N TYR A 281 11.98 15.82 -3.58
CA TYR A 281 13.11 16.44 -4.24
C TYR A 281 14.40 16.13 -3.51
N TYR A 282 15.49 16.10 -4.28
CA TYR A 282 16.80 15.78 -3.74
C TYR A 282 17.25 16.77 -2.66
N HIS A 283 16.73 18.01 -2.69
CA HIS A 283 17.06 18.92 -1.59
C HIS A 283 16.42 18.50 -0.28
N GLN A 284 15.39 17.65 -0.32
CA GLN A 284 14.82 17.09 0.91
C GLN A 284 15.57 15.84 1.32
N THR A 285 15.88 14.96 0.37
CA THR A 285 16.61 13.75 0.70
C THR A 285 18.06 14.05 1.09
N HIS A 286 18.63 15.13 0.56
CA HIS A 286 19.97 15.54 0.99
C HIS A 286 19.94 16.00 2.45
N ARG A 287 18.94 16.82 2.80
CA ARG A 287 18.74 17.23 4.19
C ARG A 287 18.65 16.00 5.10
N TRP A 288 17.85 15.01 4.69
CA TRP A 288 17.64 13.82 5.52
C TRP A 288 18.97 13.15 5.84
N HIS A 289 19.78 12.89 4.83
CA HIS A 289 21.04 12.20 5.05
C HIS A 289 22.06 13.07 5.80
N ARG A 290 21.77 14.36 5.98
CA ARG A 290 22.62 15.23 6.80
C ARG A 290 22.34 15.08 8.29
N VAL A 291 21.12 14.72 8.65
CA VAL A 291 20.73 14.65 10.05
C VAL A 291 20.40 13.25 10.51
N VAL A 292 20.53 12.24 9.65
CA VAL A 292 20.27 10.84 10.03
C VAL A 292 21.55 10.05 9.78
N SER A 293 22.18 9.57 10.86
CA SER A 293 23.36 8.72 10.72
C SER A 293 22.90 7.28 10.68
N SER A 294 23.01 6.67 9.52
CA SER A 294 22.35 5.41 9.25
C SER A 294 22.83 4.85 7.93
N PRO A 295 22.99 3.53 7.81
CA PRO A 295 23.17 2.94 6.48
C PRO A 295 21.89 2.94 5.66
N ALA A 296 20.76 3.37 6.23
CA ALA A 296 19.47 3.27 5.56
C ALA A 296 19.49 3.97 4.21
N ARG A 297 19.03 3.26 3.18
CA ARG A 297 18.86 3.83 1.85
C ARG A 297 17.38 4.06 1.58
N LEU A 298 17.07 5.10 0.83
CA LEU A 298 15.70 5.41 0.46
C LEU A 298 15.44 4.81 -0.90
N ASN A 299 14.54 3.83 -0.95
CA ASN A 299 14.09 3.29 -2.23
C ASN A 299 12.77 3.97 -2.55
N THR A 300 12.82 4.93 -3.48
CA THR A 300 11.63 5.65 -3.91
C THR A 300 10.78 4.75 -4.79
N ILE A 301 9.49 4.64 -4.47
CA ILE A 301 8.62 3.81 -5.27
C ILE A 301 7.41 4.62 -5.73
N TYR A 302 6.84 4.15 -6.85
CA TYR A 302 5.58 4.61 -7.40
C TYR A 302 4.70 3.40 -7.67
N GLY A 303 3.41 3.53 -7.41
CA GLY A 303 2.49 2.59 -8.00
C GLY A 303 1.11 2.63 -7.38
N PRO A 304 0.12 2.18 -8.14
CA PRO A 304 -1.24 2.09 -7.61
C PRO A 304 -1.47 0.76 -6.90
N THR A 305 -2.48 0.76 -6.04
CA THR A 305 -2.94 -0.47 -5.41
C THR A 305 -3.32 -1.52 -6.44
N GLU A 306 -3.81 -1.08 -7.59
CA GLU A 306 -4.25 -1.97 -8.66
C GLU A 306 -3.10 -2.74 -9.32
N ALA A 307 -1.84 -2.45 -8.95
CA ALA A 307 -0.71 -3.20 -9.51
C ALA A 307 0.21 -3.67 -8.40
N ALA A 308 -0.38 -4.15 -7.30
CA ALA A 308 0.34 -4.84 -6.20
C ALA A 308 1.40 -3.94 -5.58
N VAL A 309 0.91 -2.83 -5.02
CA VAL A 309 1.61 -1.93 -4.10
C VAL A 309 2.56 -0.98 -4.82
N ASN A 310 3.57 -1.53 -5.52
CA ASN A 310 4.57 -0.74 -6.23
C ASN A 310 4.69 -1.22 -7.66
N ALA A 311 5.05 -0.30 -8.54
CA ALA A 311 5.26 -0.62 -9.94
C ALA A 311 6.62 -0.16 -10.45
N THR A 312 7.20 0.88 -9.84
CA THR A 312 8.54 1.32 -10.23
C THR A 312 9.35 1.65 -8.98
N GLU A 313 10.67 1.62 -9.12
CA GLU A 313 11.58 1.92 -8.02
C GLU A 313 12.79 2.73 -8.50
N HIS A 314 13.26 3.61 -7.62
CA HIS A 314 14.49 4.36 -7.82
C HIS A 314 15.28 4.46 -6.53
N LEU A 315 16.50 3.92 -6.54
CA LEU A 315 17.40 4.04 -5.40
C LEU A 315 17.89 5.47 -5.28
N THR A 316 17.53 6.15 -4.18
CA THR A 316 17.69 7.60 -4.09
C THR A 316 19.14 7.93 -3.71
N GLU A 317 19.79 8.75 -4.53
CA GLU A 317 21.21 9.05 -4.33
C GLU A 317 21.36 10.05 -3.19
N PRO A 318 22.25 9.79 -2.23
CA PRO A 318 22.47 10.76 -1.15
C PRO A 318 23.32 11.93 -1.58
N ASP A 319 24.01 11.83 -2.71
CA ASP A 319 24.87 12.91 -3.19
C ASP A 319 24.07 14.13 -3.63
N LEU A 320 22.97 13.91 -4.34
CA LEU A 320 22.32 14.98 -5.09
C LEU A 320 21.52 15.88 -4.16
N ASP A 321 21.55 17.18 -4.45
CA ASP A 321 20.94 18.18 -3.59
C ASP A 321 19.92 19.06 -4.29
N HIS A 322 19.61 18.79 -5.56
CA HIS A 322 18.66 19.60 -6.30
C HIS A 322 17.94 18.72 -7.31
N GLY A 323 16.72 19.12 -7.66
CA GLY A 323 15.96 18.45 -8.69
C GLY A 323 14.96 17.46 -8.10
N GLN A 324 14.09 16.99 -8.99
CA GLN A 324 13.03 16.04 -8.64
C GLN A 324 13.57 14.61 -8.66
N VAL A 325 13.25 13.85 -7.62
CA VAL A 325 13.57 12.43 -7.59
C VAL A 325 12.69 11.68 -8.58
N PRO A 326 13.25 10.97 -9.54
CA PRO A 326 12.42 10.20 -10.48
C PRO A 326 11.81 9.01 -9.76
N ILE A 327 10.75 8.45 -10.37
CA ILE A 327 10.15 7.22 -9.82
C ILE A 327 10.80 5.96 -10.37
N GLY A 328 11.62 6.07 -11.40
CA GLY A 328 12.58 5.02 -11.72
C GLY A 328 12.17 3.96 -12.72
N VAL A 329 12.57 2.71 -12.46
CA VAL A 329 12.45 1.62 -13.42
C VAL A 329 11.39 0.63 -12.95
N PRO A 330 10.80 -0.18 -13.82
CA PRO A 330 9.74 -1.08 -13.38
C PRO A 330 10.27 -2.19 -12.48
N LEU A 331 9.40 -2.61 -11.56
CA LEU A 331 9.67 -3.79 -10.77
C LEU A 331 9.79 -5.01 -11.68
N PRO A 332 10.38 -6.09 -11.19
CA PRO A 332 10.51 -7.30 -12.02
C PRO A 332 9.15 -7.76 -12.52
N ASN A 333 9.08 -8.04 -13.82
CA ASN A 333 7.88 -8.53 -14.48
C ASN A 333 6.79 -7.47 -14.58
N TYR A 334 7.13 -6.21 -14.34
CA TYR A 334 6.26 -5.08 -14.63
C TYR A 334 6.69 -4.39 -15.91
N ARG A 335 5.72 -3.85 -16.65
CA ARG A 335 6.02 -3.03 -17.81
C ARG A 335 5.12 -1.80 -17.77
N LEU A 336 5.68 -0.62 -18.07
CA LEU A 336 4.91 0.60 -17.99
C LEU A 336 5.06 1.41 -19.27
N TYR A 337 3.99 2.10 -19.63
CA TYR A 337 3.89 2.85 -20.88
C TYR A 337 3.24 4.19 -20.60
N ALA A 338 3.80 5.26 -21.20
CA ALA A 338 3.18 6.58 -21.17
C ALA A 338 2.45 6.80 -22.50
N LEU A 339 1.14 6.96 -22.43
CA LEU A 339 0.31 7.03 -23.62
C LEU A 339 -0.38 8.38 -23.69
N ASP A 340 -0.60 8.86 -24.91
CA ASP A 340 -1.32 10.12 -25.05
C ASP A 340 -2.83 9.86 -25.01
N ASP A 341 -3.60 10.93 -25.22
CA ASP A 341 -5.05 10.80 -25.16
C ASP A 341 -5.58 9.81 -26.18
N ASP A 342 -4.87 9.64 -27.30
CA ASP A 342 -5.26 8.71 -28.34
C ASP A 342 -4.70 7.30 -28.13
N GLY A 343 -3.91 7.08 -27.09
CA GLY A 343 -3.36 5.76 -26.86
C GLY A 343 -2.08 5.46 -27.60
N ARG A 344 -1.40 6.47 -28.13
CA ARG A 344 -0.11 6.28 -28.76
C ARG A 344 0.99 6.39 -27.71
N LEU A 345 2.05 5.60 -27.89
CA LEU A 345 3.19 5.63 -26.98
C LEU A 345 3.97 6.93 -27.14
N CYS A 346 4.17 7.63 -26.04
CA CYS A 346 4.86 8.92 -26.11
C CYS A 346 6.35 8.70 -26.34
N PRO A 347 6.98 9.54 -27.15
CA PRO A 347 8.45 9.50 -27.27
C PRO A 347 9.09 9.81 -25.93
N PRO A 348 10.34 9.37 -25.71
CA PRO A 348 11.07 9.77 -24.52
C PRO A 348 11.05 11.28 -24.34
N GLY A 349 10.72 11.72 -23.12
CA GLY A 349 10.68 13.13 -22.78
C GLY A 349 9.31 13.76 -22.86
N ILE A 350 8.33 13.08 -23.45
CA ILE A 350 6.98 13.61 -23.64
C ILE A 350 6.06 13.05 -22.56
N THR A 351 5.25 13.92 -21.96
CA THR A 351 4.38 13.52 -20.86
C THR A 351 3.13 12.82 -21.38
N GLY A 352 2.89 11.60 -20.89
CA GLY A 352 1.64 10.91 -21.14
C GLY A 352 1.13 10.23 -19.89
N GLU A 353 0.02 9.51 -20.05
CA GLU A 353 -0.62 8.82 -18.93
C GLU A 353 0.00 7.44 -18.76
N ILE A 354 0.29 7.07 -17.51
CA ILE A 354 0.88 5.75 -17.26
C ILE A 354 -0.19 4.66 -17.38
N HIS A 355 0.13 3.62 -18.15
CA HIS A 355 -0.61 2.37 -18.21
C HIS A 355 0.35 1.27 -17.81
N ILE A 356 -0.11 0.34 -16.96
CA ILE A 356 0.75 -0.67 -16.36
C ILE A 356 0.34 -2.05 -16.83
N ALA A 357 1.33 -2.86 -17.18
CA ALA A 357 1.14 -4.25 -17.56
C ALA A 357 1.99 -5.15 -16.66
N GLY A 358 1.65 -6.43 -16.64
CA GLY A 358 2.56 -7.42 -16.10
C GLY A 358 2.06 -8.18 -14.89
N ALA A 359 3.00 -8.77 -14.14
CA ALA A 359 2.67 -9.74 -13.11
C ALA A 359 1.96 -9.13 -11.91
N GLY A 360 2.10 -7.82 -11.71
CA GLY A 360 1.52 -7.17 -10.55
C GLY A 360 0.07 -6.77 -10.68
N LEU A 361 -0.53 -6.92 -11.85
CA LEU A 361 -1.89 -6.41 -12.03
C LEU A 361 -2.93 -7.15 -11.19
N ALA A 362 -3.85 -6.38 -10.63
CA ALA A 362 -5.03 -6.93 -9.97
C ALA A 362 -5.85 -7.75 -10.96
N ARG A 363 -6.62 -8.69 -10.42
CA ARG A 363 -7.66 -9.33 -11.23
C ARG A 363 -8.58 -8.26 -11.82
N GLY A 364 -8.79 -7.17 -11.09
CA GLY A 364 -9.74 -6.13 -11.43
C GLY A 364 -10.28 -5.54 -10.13
N TYR A 365 -11.44 -4.93 -10.22
CA TYR A 365 -12.18 -4.54 -9.03
C TYR A 365 -13.32 -5.52 -8.79
N ARG A 366 -13.90 -5.43 -7.59
CA ARG A 366 -15.10 -6.22 -7.33
C ARG A 366 -16.21 -5.79 -8.27
N SER A 367 -16.25 -4.49 -8.59
CA SER A 367 -17.24 -3.93 -9.50
C SER A 367 -16.85 -4.11 -10.96
N ALA A 368 -17.81 -4.53 -11.79
CA ALA A 368 -17.56 -4.72 -13.22
C ALA A 368 -17.36 -3.40 -13.95
N GLU A 369 -18.16 -2.36 -13.64
CA GLU A 369 -18.00 -1.09 -14.36
C GLU A 369 -16.64 -0.47 -14.09
N ALA A 370 -16.22 -0.47 -12.82
CA ALA A 370 -14.92 0.08 -12.51
C ALA A 370 -13.84 -0.70 -13.24
N THR A 371 -13.97 -2.03 -13.29
CA THR A 371 -13.00 -2.85 -14.01
C THR A 371 -12.97 -2.48 -15.48
N ALA A 372 -14.14 -2.37 -16.12
CA ALA A 372 -14.18 -2.06 -17.54
C ALA A 372 -13.65 -0.66 -17.86
N LYS A 373 -13.76 0.27 -16.90
CA LYS A 373 -13.28 1.64 -17.12
C LYS A 373 -11.77 1.77 -16.97
N ALA A 374 -11.07 0.78 -16.43
CA ALA A 374 -9.67 1.00 -16.11
C ALA A 374 -8.74 -0.07 -16.67
N PHE A 375 -9.25 -1.28 -16.86
CA PHE A 375 -8.46 -2.39 -17.41
C PHE A 375 -8.84 -2.62 -18.88
N HIS A 376 -7.84 -2.69 -19.74
CA HIS A 376 -8.07 -2.75 -21.18
C HIS A 376 -6.91 -3.45 -21.88
N GLU A 377 -7.07 -3.70 -23.18
CA GLU A 377 -6.08 -4.41 -23.98
C GLU A 377 -5.62 -3.55 -25.16
N LEU A 378 -4.31 -3.53 -25.40
CA LEU A 378 -3.71 -2.68 -26.42
C LEU A 378 -2.46 -3.33 -26.97
N GLU A 379 -2.30 -3.31 -28.29
CA GLU A 379 -1.04 -3.73 -28.89
C GLU A 379 -0.08 -2.53 -28.85
N VAL A 380 0.83 -2.55 -27.87
CA VAL A 380 1.72 -1.40 -27.66
C VAL A 380 2.91 -1.45 -28.61
N HIS A 381 3.41 -2.64 -28.90
CA HIS A 381 4.43 -2.86 -29.91
C HIS A 381 3.94 -3.96 -30.82
N SER A 382 4.50 -4.01 -32.03
CA SER A 382 4.15 -5.07 -32.95
C SER A 382 4.44 -6.42 -32.31
N GLY A 383 3.39 -7.23 -32.17
CA GLY A 383 3.51 -8.53 -31.54
C GLY A 383 3.39 -8.55 -30.03
N ARG A 384 3.12 -7.41 -29.38
CA ARG A 384 2.99 -7.36 -27.91
C ARG A 384 1.63 -6.75 -27.56
N THR A 385 0.63 -7.61 -27.36
CA THR A 385 -0.67 -7.15 -26.87
C THR A 385 -0.68 -7.25 -25.36
N GLU A 386 -0.94 -6.13 -24.69
CA GLU A 386 -0.87 -6.04 -23.24
C GLU A 386 -2.25 -5.92 -22.62
N ARG A 387 -2.45 -6.60 -21.49
CA ARG A 387 -3.50 -6.21 -20.57
C ARG A 387 -2.95 -5.06 -19.73
N LEU A 388 -3.68 -3.94 -19.72
CA LEU A 388 -3.16 -2.71 -19.14
C LEU A 388 -4.12 -2.16 -18.09
N TYR A 389 -3.54 -1.60 -17.03
CA TYR A 389 -4.28 -0.82 -16.05
C TYR A 389 -3.99 0.66 -16.33
N ARG A 390 -5.05 1.42 -16.61
CA ARG A 390 -4.96 2.86 -16.83
C ARG A 390 -4.96 3.60 -15.50
N THR A 391 -3.88 4.35 -15.22
CA THR A 391 -3.63 4.84 -13.87
C THR A 391 -4.23 6.20 -13.55
N GLY A 392 -4.48 7.05 -14.55
CA GLY A 392 -4.77 8.44 -14.19
C GLY A 392 -3.56 9.25 -13.76
N ASP A 393 -2.37 8.67 -13.81
CA ASP A 393 -1.12 9.33 -13.45
C ASP A 393 -0.38 9.76 -14.70
N LEU A 394 0.35 10.87 -14.60
CA LEU A 394 1.13 11.39 -15.71
C LEU A 394 2.62 11.21 -15.46
N ALA A 395 3.36 10.90 -16.53
CA ALA A 395 4.81 10.76 -16.40
C ALA A 395 5.47 10.88 -17.76
N ARG A 396 6.77 11.09 -17.73
CA ARG A 396 7.59 11.09 -18.94
C ARG A 396 8.83 10.25 -18.71
N LEU A 397 9.32 9.65 -19.79
CA LEU A 397 10.55 8.87 -19.76
C LEU A 397 11.74 9.80 -20.00
N VAL A 398 12.67 9.80 -19.04
CA VAL A 398 13.82 10.69 -19.04
C VAL A 398 15.09 9.88 -18.83
N ARG A 399 16.22 10.46 -19.25
CA ARG A 399 17.52 9.89 -18.95
C ARG A 399 17.93 10.29 -17.54
N HIS A 400 18.40 9.31 -16.77
CA HIS A 400 18.90 9.50 -15.40
C HIS A 400 20.06 8.54 -15.22
N ALA A 401 21.25 9.08 -15.02
CA ALA A 401 22.51 8.31 -15.11
C ALA A 401 22.55 7.74 -16.54
N ASP A 402 23.03 6.51 -16.71
CA ASP A 402 23.02 5.88 -18.04
C ASP A 402 21.82 4.96 -18.20
N ARG A 403 20.63 5.46 -17.85
CA ARG A 403 19.45 4.62 -17.77
C ARG A 403 18.20 5.45 -18.03
N TRP A 404 17.20 4.79 -18.62
CA TRP A 404 15.87 5.39 -18.73
C TRP A 404 15.11 5.24 -17.42
N ALA A 405 14.36 6.27 -17.06
CA ALA A 405 13.58 6.29 -15.83
C ALA A 405 12.30 7.10 -16.06
N LEU A 406 11.22 6.70 -15.39
CA LEU A 406 10.03 7.55 -15.41
C LEU A 406 10.12 8.67 -14.38
N GLU A 407 9.57 9.82 -14.75
CA GLU A 407 9.45 10.97 -13.87
C GLU A 407 7.98 11.34 -13.77
N PHE A 408 7.46 11.33 -12.55
CA PHE A 408 6.04 11.57 -12.30
C PHE A 408 5.72 13.05 -12.54
N GLN A 409 4.52 13.30 -13.10
CA GLN A 409 4.15 14.66 -13.51
C GLN A 409 2.75 15.07 -13.09
N GLY A 410 2.08 14.32 -12.23
CA GLY A 410 0.79 14.71 -11.69
C GLY A 410 -0.32 13.78 -12.10
N ARG A 411 -1.55 14.20 -11.80
CA ARG A 411 -2.75 13.43 -12.06
C ARG A 411 -3.48 13.98 -13.29
N VAL A 412 -4.56 13.31 -13.65
CA VAL A 412 -5.50 13.82 -14.65
C VAL A 412 -6.73 14.46 -14.00
N ASP A 413 -7.19 13.90 -12.88
CA ASP A 413 -8.31 14.43 -12.12
C ASP A 413 -7.80 15.23 -10.93
N SER A 414 -8.72 15.66 -10.06
CA SER A 414 -8.36 16.45 -8.87
C SER A 414 -8.32 15.59 -7.61
N GLN A 415 -7.92 14.33 -7.73
CA GLN A 415 -7.70 13.49 -6.58
C GLN A 415 -6.39 13.90 -5.89
N VAL A 416 -6.46 14.13 -4.58
CA VAL A 416 -5.28 14.45 -3.80
C VAL A 416 -5.01 13.34 -2.80
N LYS A 417 -3.98 13.52 -1.97
CA LYS A 417 -3.57 12.52 -0.99
C LYS A 417 -3.58 13.13 0.40
N ILE A 418 -4.27 12.46 1.33
CA ILE A 418 -4.27 12.83 2.74
C ILE A 418 -3.64 11.68 3.50
N SER A 419 -2.43 11.92 4.04
CA SER A 419 -1.66 10.91 4.76
C SER A 419 -1.50 9.63 3.93
N GLY A 420 -1.24 9.82 2.63
CA GLY A 420 -1.01 8.70 1.74
C GLY A 420 -2.24 8.04 1.18
N TYR A 421 -3.44 8.54 1.49
CA TYR A 421 -4.69 7.93 1.08
C TYR A 421 -5.33 8.73 -0.05
N ARG A 422 -5.80 8.02 -1.07
CA ARG A 422 -6.50 8.67 -2.18
C ARG A 422 -7.85 9.19 -1.71
N VAL A 423 -8.16 10.45 -2.04
CA VAL A 423 -9.41 11.07 -1.61
C VAL A 423 -9.74 12.22 -2.54
N GLU A 424 -11.03 12.44 -2.76
CA GLU A 424 -11.52 13.64 -3.41
C GLU A 424 -12.02 14.61 -2.35
N LEU A 425 -11.49 15.85 -2.40
CA LEU A 425 -11.80 16.85 -1.39
C LEU A 425 -13.31 17.10 -1.27
N GLU A 426 -14.05 16.87 -2.36
CA GLU A 426 -15.49 17.10 -2.37
C GLU A 426 -16.22 16.20 -1.39
N GLU A 427 -15.63 15.05 -1.03
CA GLU A 427 -16.25 14.13 -0.10
C GLU A 427 -16.30 14.71 1.32
N VAL A 428 -15.20 15.32 1.76
CA VAL A 428 -15.19 15.93 3.09
C VAL A 428 -16.10 17.14 3.12
N ASP A 429 -16.11 17.94 2.04
CA ASP A 429 -17.08 19.01 1.89
C ASP A 429 -18.50 18.49 2.08
N ALA A 430 -18.83 17.39 1.40
CA ALA A 430 -20.19 16.85 1.47
C ALA A 430 -20.52 16.37 2.88
N ALA A 431 -19.54 15.78 3.58
CA ALA A 431 -19.79 15.25 4.91
C ALA A 431 -20.10 16.35 5.90
N VAL A 432 -19.30 17.43 5.90
CA VAL A 432 -19.51 18.51 6.86
C VAL A 432 -20.81 19.25 6.57
N LYS A 433 -21.19 19.36 5.29
CA LYS A 433 -22.46 20.00 4.95
C LYS A 433 -23.66 19.15 5.35
N ALA A 434 -23.47 17.84 5.51
CA ALA A 434 -24.53 16.93 5.93
C ALA A 434 -24.69 16.87 7.44
N VAL A 435 -23.89 17.63 8.19
CA VAL A 435 -24.01 17.75 9.64
C VAL A 435 -25.12 18.75 9.93
N PRO A 436 -26.01 18.48 10.90
CA PRO A 436 -27.09 19.43 11.17
C PRO A 436 -26.58 20.69 11.87
N GLY A 437 -26.93 21.85 11.31
CA GLY A 437 -26.44 23.14 11.77
C GLY A 437 -25.44 23.77 10.83
N VAL A 438 -24.63 22.98 10.14
CA VAL A 438 -23.68 23.49 9.17
C VAL A 438 -24.40 23.77 7.86
N ARG A 439 -24.27 25.00 7.36
CA ARG A 439 -24.85 25.36 6.07
C ARG A 439 -23.85 25.21 4.93
N ASP A 440 -22.77 25.98 4.97
CA ASP A 440 -21.74 25.97 3.95
C ASP A 440 -20.41 25.60 4.59
N ALA A 441 -19.45 25.19 3.75
CA ALA A 441 -18.13 24.83 4.26
C ALA A 441 -17.14 24.65 3.12
N ALA A 442 -15.88 24.97 3.40
CA ALA A 442 -14.79 24.82 2.45
C ALA A 442 -13.60 24.17 3.15
N VAL A 443 -13.07 23.10 2.55
CA VAL A 443 -12.03 22.29 3.16
C VAL A 443 -10.75 22.45 2.33
N VAL A 444 -9.62 22.65 3.00
CA VAL A 444 -8.35 22.93 2.33
C VAL A 444 -7.22 22.15 3.00
N VAL A 445 -6.13 21.98 2.24
CA VAL A 445 -4.91 21.33 2.73
C VAL A 445 -3.86 22.41 2.89
N ARG A 446 -3.48 22.69 4.15
CA ARG A 446 -2.45 23.68 4.44
C ARG A 446 -1.12 22.99 4.77
N GLU A 451 1.96 18.04 6.36
CA GLU A 451 0.60 17.93 5.88
C GLU A 451 -0.41 18.30 6.97
N GLN A 452 -1.50 18.96 6.57
CA GLN A 452 -2.55 19.33 7.52
C GLN A 452 -3.83 19.63 6.75
N LEU A 453 -4.93 19.02 7.20
CA LEU A 453 -6.24 19.18 6.58
C LEU A 453 -7.09 20.14 7.43
N VAL A 454 -7.61 21.19 6.79
CA VAL A 454 -8.25 22.31 7.47
C VAL A 454 -9.66 22.49 6.92
N CYS A 455 -10.57 22.99 7.76
CA CYS A 455 -11.95 23.21 7.35
C CYS A 455 -12.50 24.48 7.97
N CYS A 456 -13.17 25.30 7.14
CA CYS A 456 -13.96 26.44 7.58
C CYS A 456 -15.43 26.18 7.28
N TYR A 457 -16.31 26.57 8.18
CA TYR A 457 -17.72 26.23 8.06
C TYR A 457 -18.59 27.30 8.71
N VAL A 458 -19.80 27.48 8.17
CA VAL A 458 -20.78 28.43 8.66
C VAL A 458 -21.90 27.66 9.34
N GLY A 459 -22.27 28.11 10.52
CA GLY A 459 -23.32 27.48 11.31
C GLY A 459 -22.96 27.48 12.78
N ASP A 460 -23.96 27.26 13.61
CA ASP A 460 -23.77 27.26 15.07
C ASP A 460 -23.65 25.85 15.61
N VAL A 461 -22.68 25.13 15.07
CA VAL A 461 -22.21 23.86 15.63
C VAL A 461 -20.80 24.09 16.16
N PRO A 462 -20.57 23.97 17.47
CA PRO A 462 -19.22 24.14 17.98
C PRO A 462 -18.29 23.10 17.40
N PRO A 463 -17.01 23.46 17.18
CA PRO A 463 -16.10 22.52 16.48
C PRO A 463 -15.93 21.19 17.19
N ASP A 464 -16.15 21.14 18.51
CA ASP A 464 -16.01 19.88 19.24
C ASP A 464 -17.19 18.95 19.00
N ARG A 465 -18.40 19.51 18.81
CA ARG A 465 -19.56 18.69 18.49
C ARG A 465 -19.59 18.32 17.00
N LEU A 466 -19.09 19.22 16.14
CA LEU A 466 -18.91 18.89 14.73
C LEU A 466 -17.92 17.75 14.56
N ARG A 467 -16.80 17.80 15.30
CA ARG A 467 -15.83 16.71 15.28
C ARG A 467 -16.46 15.38 15.66
N SER A 468 -17.28 15.39 16.73
CA SER A 468 -17.93 14.15 17.16
C SER A 468 -18.88 13.61 16.09
N ARG A 469 -19.54 14.50 15.35
CA ARG A 469 -20.43 14.08 14.29
C ARG A 469 -19.66 13.62 13.05
N LEU A 470 -18.45 14.17 12.84
CA LEU A 470 -17.64 13.79 11.69
C LEU A 470 -16.91 12.47 11.90
N THR A 471 -16.54 12.15 13.14
CA THR A 471 -15.88 10.87 13.40
C THR A 471 -16.82 9.71 13.13
N GLU A 472 -18.11 9.88 13.43
CA GLU A 472 -19.11 8.87 13.14
C GLU A 472 -19.44 8.80 11.64
N ARG A 473 -19.02 9.79 10.87
CA ARG A 473 -19.36 9.95 9.46
C ARG A 473 -18.19 9.73 8.52
N LEU A 474 -16.98 10.07 8.94
CA LEU A 474 -15.77 10.00 8.13
C LEU A 474 -14.71 9.14 8.80
N PRO A 475 -13.84 8.47 8.04
CA PRO A 475 -12.70 7.81 8.66
C PRO A 475 -11.78 8.86 9.29
N ALA A 476 -11.12 8.46 10.38
CA ALA A 476 -10.40 9.41 11.22
C ALA A 476 -9.44 10.28 10.41
N TYR A 477 -8.79 9.70 9.40
CA TYR A 477 -7.83 10.45 8.61
C TYR A 477 -8.48 11.47 7.68
N LEU A 478 -9.80 11.43 7.52
CA LEU A 478 -10.51 12.45 6.74
C LEU A 478 -11.18 13.50 7.61
N VAL A 479 -11.19 13.32 8.93
CA VAL A 479 -11.73 14.31 9.85
C VAL A 479 -10.73 15.46 9.93
N PRO A 480 -11.12 16.67 9.53
CA PRO A 480 -10.16 17.78 9.47
C PRO A 480 -9.44 18.01 10.80
N HIS A 481 -8.15 18.35 10.71
CA HIS A 481 -7.33 18.48 11.90
C HIS A 481 -7.83 19.62 12.79
N LEU A 482 -8.25 20.72 12.19
CA LEU A 482 -8.88 21.82 12.91
C LEU A 482 -10.13 22.27 12.17
N LEU A 483 -11.11 22.73 12.95
CA LEU A 483 -12.44 23.10 12.45
C LEU A 483 -12.72 24.53 12.88
N VAL A 484 -12.72 25.45 11.93
CA VAL A 484 -12.78 26.89 12.19
C VAL A 484 -14.18 27.39 11.87
N PRO A 485 -14.94 27.88 12.84
CA PRO A 485 -16.23 28.52 12.54
C PRO A 485 -16.03 29.92 11.99
N VAL A 486 -16.62 30.18 10.82
CA VAL A 486 -16.54 31.47 10.16
C VAL A 486 -17.94 31.99 9.87
N GLU A 487 -18.09 33.31 9.95
CA GLU A 487 -19.41 33.91 9.76
C GLU A 487 -19.86 33.81 8.31
N ALA A 488 -18.94 33.94 7.37
CA ALA A 488 -19.26 33.83 5.96
C ALA A 488 -18.22 32.99 5.22
C TRS B . 1.32 3.04 -2.97
C1 TRS B . 1.01 4.53 -2.79
C2 TRS B . 1.87 2.48 -1.67
C3 TRS B . 0.10 2.21 -3.40
N TRS B . 2.38 2.87 -3.98
O1 TRS B . 0.65 5.17 -4.00
O2 TRS B . 3.15 3.03 -1.41
O3 TRS B . -0.98 2.35 -2.48
#